data_6LNZ
#
_entry.id   6LNZ
#
loop_
_entity.id
_entity.type
_entity.pdbx_description
1 polymer "DNA (5'-D(*CP*GP*GP*GP*GP*CP*GP*GP*GP*CP*CP*TP*TP*GP*GP*GP*CP*GP*GP*GP*GP*T)-3')"
2 non-polymer 'cyclometalated-carbene platinum(II) complex'
#
_entity_poly.entity_id   1
_entity_poly.type   'polydeoxyribonucleotide'
_entity_poly.pdbx_seq_one_letter_code
;(DC)(DG)(DG)(DG)(DG)(DC)(DG)(DG)(DG)(DC)(DC)(DT)(DT)(DG)(DG)(DG)(DC)(DG)(DG)(DG)
(DG)(DT)
;
_entity_poly.pdbx_strand_id   A
#